data_7VKH
#
_entry.id   7VKH
#
_cell.length_a   31.652
_cell.length_b   41.426
_cell.length_c   59.725
_cell.angle_alpha   102.000
_cell.angle_beta   90.870
_cell.angle_gamma   90.360
#
_symmetry.space_group_name_H-M   'P 1'
#
loop_
_entity.id
_entity.type
_entity.pdbx_description
1 polymer 'Protein AF-9'
2 non-polymer ~{N}-(3-azanyl-4-chloranyl-phenyl)-2-methoxy-ethanamide
3 non-polymer GLYCEROL
4 water water
#
_entity_poly.entity_id   1
_entity_poly.type   'polypeptide(L)'
_entity_poly.pdbx_seq_one_letter_code
;MASSCAVQVKLELGHRAQVRKKPTVEGFTHDWMVFVRGPEHSNIQHFVEKVVFHLHESFPRPKRVCKDPPYKVEESGYAG
FILPIEVYFKNKEEPRKVRFDYDLFLHLEGHPPVNHLRCEKLTFNNPTEDFRRKLLKA
;
_entity_poly.pdbx_strand_id   A,B
#
loop_
_chem_comp.id
_chem_comp.type
_chem_comp.name
_chem_comp.formula
7IY non-polymer ~{N}-(3-azanyl-4-chloranyl-phenyl)-2-methoxy-ethanamide 'C9 H11 Cl N2 O2'
GOL non-polymer GLYCEROL 'C3 H8 O3'
#
# COMPACT_ATOMS: atom_id res chain seq x y z
N CYS A 5 16.64 13.50 -15.56
CA CYS A 5 17.11 13.21 -14.20
C CYS A 5 15.92 13.09 -13.24
N ALA A 6 15.54 11.84 -12.94
CA ALA A 6 14.35 11.57 -12.16
C ALA A 6 14.60 11.75 -10.65
N VAL A 7 13.53 12.11 -9.95
CA VAL A 7 13.58 12.41 -8.52
C VAL A 7 12.36 11.79 -7.86
N GLN A 8 12.56 11.22 -6.68
CA GLN A 8 11.50 10.55 -5.93
C GLN A 8 11.35 11.20 -4.56
N VAL A 9 10.10 11.50 -4.17
CA VAL A 9 9.80 12.05 -2.86
C VAL A 9 8.74 11.17 -2.20
N LYS A 10 8.66 11.29 -0.88
CA LYS A 10 7.71 10.50 -0.08
C LYS A 10 6.75 11.43 0.65
N LEU A 11 5.50 10.98 0.76
CA LEU A 11 4.48 11.64 1.54
C LEU A 11 3.95 10.66 2.59
N GLU A 12 3.91 11.10 3.84
CA GLU A 12 3.26 10.32 4.89
C GLU A 12 1.82 10.79 5.05
N LEU A 13 0.88 9.84 4.95
CA LEU A 13 -0.54 10.06 5.18
C LEU A 13 -0.97 9.31 6.43
N GLY A 14 -1.79 9.94 7.26
CA GLY A 14 -2.18 9.25 8.48
C GLY A 14 -3.26 10.01 9.21
N HIS A 15 -3.69 9.41 10.32
CA HIS A 15 -4.73 10.04 11.13
C HIS A 15 -4.73 9.44 12.52
N ARG A 16 -5.25 10.22 13.45
CA ARG A 16 -5.45 9.84 14.86
C ARG A 16 -6.95 9.89 15.13
N ALA A 17 -7.47 8.94 15.88
CA ALA A 17 -8.88 8.91 16.22
C ALA A 17 -9.05 8.47 17.67
N GLN A 18 -9.86 9.20 18.42
CA GLN A 18 -10.00 8.98 19.85
C GLN A 18 -11.45 9.15 20.27
N VAL A 19 -11.98 8.17 21.01
CA VAL A 19 -13.33 8.29 21.57
C VAL A 19 -13.36 9.43 22.56
N ARG A 20 -14.35 10.31 22.44
CA ARG A 20 -14.50 11.42 23.36
C ARG A 20 -14.95 10.92 24.74
N LYS A 21 -14.49 11.61 25.77
CA LYS A 21 -15.01 11.31 27.11
C LYS A 21 -16.50 11.63 27.20
N LYS A 22 -16.96 12.66 26.48
CA LYS A 22 -18.36 13.03 26.43
C LYS A 22 -18.70 13.39 24.98
N PRO A 23 -19.76 12.82 24.42
CA PRO A 23 -20.14 13.18 23.05
C PRO A 23 -20.48 14.66 22.93
N THR A 24 -20.34 15.18 21.72
CA THR A 24 -20.70 16.55 21.44
C THR A 24 -22.21 16.73 21.49
N VAL A 25 -22.64 17.99 21.42
CA VAL A 25 -24.07 18.29 21.37
C VAL A 25 -24.73 17.53 20.23
N GLU A 26 -24.03 17.40 19.10
CA GLU A 26 -24.53 16.68 17.94
C GLU A 26 -24.51 15.17 18.12
N GLY A 27 -23.95 14.68 19.23
CA GLY A 27 -23.81 13.25 19.39
C GLY A 27 -22.57 12.68 18.75
N PHE A 28 -21.61 13.52 18.38
CA PHE A 28 -20.35 13.02 17.81
C PHE A 28 -19.53 12.34 18.91
N THR A 29 -19.14 11.10 18.64
CA THR A 29 -18.49 10.27 19.66
C THR A 29 -16.96 10.31 19.58
N HIS A 30 -16.39 10.71 18.45
CA HIS A 30 -14.96 10.64 18.21
C HIS A 30 -14.41 12.00 17.84
N ASP A 31 -13.21 12.30 18.33
CA ASP A 31 -12.35 13.35 17.77
C ASP A 31 -11.32 12.69 16.86
N TRP A 32 -11.10 13.27 15.69
CA TRP A 32 -10.09 12.75 14.78
C TRP A 32 -9.33 13.88 14.11
N MET A 33 -8.14 13.54 13.63
CA MET A 33 -7.26 14.49 12.95
C MET A 33 -6.56 13.73 11.84
N VAL A 34 -6.71 14.20 10.61
CA VAL A 34 -6.09 13.57 9.45
C VAL A 34 -5.01 14.51 8.92
N PHE A 35 -3.94 13.92 8.37
CA PHE A 35 -2.80 14.74 8.02
C PHE A 35 -2.06 14.18 6.82
N VAL A 36 -1.36 15.08 6.14
CA VAL A 36 -0.35 14.76 5.14
C VAL A 36 0.94 15.43 5.58
N ARG A 37 2.05 14.70 5.49
CA ARG A 37 3.33 15.26 5.89
C ARG A 37 4.44 14.49 5.18
N GLY A 38 5.64 15.05 5.23
CA GLY A 38 6.81 14.35 4.76
C GLY A 38 7.43 13.53 5.87
N PRO A 39 8.34 12.62 5.52
CA PRO A 39 9.05 11.87 6.55
C PRO A 39 9.79 12.84 7.47
N GLU A 40 10.03 12.38 8.70
CA GLU A 40 10.53 13.25 9.77
C GLU A 40 11.76 14.04 9.31
N HIS A 41 11.77 15.33 9.62
CA HIS A 41 12.82 16.31 9.29
C HIS A 41 12.83 16.70 7.82
N SER A 42 11.77 16.43 7.07
CA SER A 42 11.63 16.90 5.70
C SER A 42 10.47 17.88 5.63
N ASN A 43 10.65 18.95 4.88
CA ASN A 43 9.63 19.99 4.73
C ASN A 43 9.06 19.90 3.32
N ILE A 44 7.87 19.31 3.18
CA ILE A 44 7.25 19.19 1.86
C ILE A 44 6.66 20.50 1.37
N GLN A 45 6.69 21.55 2.18
CA GLN A 45 6.24 22.86 1.70
C GLN A 45 7.07 23.34 0.52
N HIS A 46 8.28 22.81 0.35
CA HIS A 46 9.12 23.23 -0.78
C HIS A 46 8.46 22.90 -2.11
N PHE A 47 7.68 21.81 -2.18
CA PHE A 47 7.08 21.41 -3.45
C PHE A 47 5.56 21.27 -3.37
N VAL A 48 4.95 21.47 -2.20
CA VAL A 48 3.51 21.33 -2.05
C VAL A 48 2.86 22.70 -2.12
N GLU A 49 2.01 22.89 -3.12
CA GLU A 49 1.24 24.13 -3.22
C GLU A 49 0.12 24.16 -2.18
N LYS A 50 -0.67 23.10 -2.12
CA LYS A 50 -1.74 23.01 -1.12
C LYS A 50 -2.17 21.56 -1.00
N VAL A 51 -2.80 21.25 0.12
CA VAL A 51 -3.46 19.97 0.34
C VAL A 51 -4.94 20.24 0.52
N VAL A 52 -5.76 19.51 -0.23
CA VAL A 52 -7.22 19.64 -0.16
C VAL A 52 -7.78 18.36 0.44
N PHE A 53 -8.52 18.51 1.54
CA PHE A 53 -9.18 17.41 2.22
C PHE A 53 -10.66 17.45 1.90
N HIS A 54 -11.18 16.38 1.29
CA HIS A 54 -12.58 16.30 0.90
C HIS A 54 -13.32 15.47 1.94
N LEU A 55 -13.94 16.15 2.90
CA LEU A 55 -14.67 15.48 3.96
C LEU A 55 -15.99 14.91 3.43
N HIS A 56 -16.62 14.07 4.26
CA HIS A 56 -17.95 13.56 3.94
C HIS A 56 -18.93 14.72 3.84
N GLU A 57 -19.91 14.55 2.95
CA GLU A 57 -20.87 15.62 2.66
C GLU A 57 -21.65 16.08 3.90
N SER A 58 -21.71 15.26 4.94
CA SER A 58 -22.40 15.68 6.16
C SER A 58 -21.67 16.78 6.89
N PHE A 59 -20.38 16.98 6.62
CA PHE A 59 -19.64 18.04 7.28
C PHE A 59 -19.92 19.38 6.59
N PRO A 60 -19.99 20.47 7.35
CA PRO A 60 -20.10 21.80 6.73
C PRO A 60 -18.82 22.14 6.00
N ARG A 61 -18.98 22.67 4.78
CA ARG A 61 -17.87 23.04 3.91
C ARG A 61 -16.88 21.88 3.81
N PRO A 62 -17.29 20.76 3.21
CA PRO A 62 -16.46 19.53 3.27
C PRO A 62 -15.13 19.64 2.56
N LYS A 63 -14.91 20.66 1.74
CA LYS A 63 -13.63 20.86 1.05
C LYS A 63 -12.74 21.71 1.94
N ARG A 64 -11.85 21.07 2.69
CA ARG A 64 -10.94 21.76 3.58
C ARG A 64 -9.59 21.92 2.91
N VAL A 65 -9.11 23.17 2.83
CA VAL A 65 -7.90 23.51 2.10
C VAL A 65 -6.82 23.94 3.08
N CYS A 66 -5.62 23.40 2.91
CA CYS A 66 -4.45 23.81 3.69
C CYS A 66 -3.39 24.33 2.73
N LYS A 67 -3.22 25.66 2.68
CA LYS A 67 -2.18 26.27 1.88
C LYS A 67 -0.83 26.29 2.58
N ASP A 68 -0.81 26.16 3.90
CA ASP A 68 0.41 26.17 4.68
C ASP A 68 0.48 24.92 5.55
N PRO A 69 1.68 24.47 5.90
CA PRO A 69 1.80 23.45 6.92
C PRO A 69 1.41 23.99 8.27
N PRO A 70 0.94 23.14 9.20
CA PRO A 70 0.72 21.70 8.97
C PRO A 70 -0.49 21.44 8.09
N TYR A 71 -0.37 20.48 7.17
CA TYR A 71 -1.46 20.09 6.29
C TYR A 71 -2.32 19.07 7.03
N LYS A 72 -3.31 19.55 7.76
CA LYS A 72 -4.08 18.69 8.66
C LYS A 72 -5.50 19.21 8.78
N VAL A 73 -6.39 18.33 9.24
CA VAL A 73 -7.76 18.70 9.54
C VAL A 73 -8.13 18.07 10.87
N GLU A 74 -8.57 18.90 11.81
CA GLU A 74 -9.06 18.46 13.11
C GLU A 74 -10.58 18.54 13.09
N GLU A 75 -11.24 17.42 13.38
CA GLU A 75 -12.69 17.39 13.36
C GLU A 75 -13.22 16.41 14.40
N SER A 76 -14.53 16.42 14.57
CA SER A 76 -15.24 15.43 15.36
C SER A 76 -16.33 14.80 14.49
N GLY A 77 -16.66 13.55 14.79
CA GLY A 77 -17.66 12.86 14.01
C GLY A 77 -18.10 11.60 14.72
N TYR A 78 -18.98 10.85 14.06
CA TYR A 78 -19.51 9.61 14.60
C TYR A 78 -19.25 8.39 13.72
N ALA A 79 -18.65 8.57 12.54
CA ALA A 79 -18.44 7.44 11.65
C ALA A 79 -17.23 7.71 10.76
N GLY A 80 -16.63 6.61 10.28
CA GLY A 80 -15.56 6.72 9.33
C GLY A 80 -16.07 6.83 7.91
N PHE A 81 -15.15 7.14 6.99
CA PHE A 81 -15.51 7.35 5.59
C PHE A 81 -14.23 7.40 4.76
N ILE A 82 -14.40 7.35 3.45
CA ILE A 82 -13.30 7.57 2.53
C ILE A 82 -13.06 9.07 2.38
N LEU A 83 -11.82 9.48 2.59
CA LEU A 83 -11.43 10.89 2.53
C LEU A 83 -10.46 11.10 1.38
N PRO A 84 -10.92 11.59 0.23
CA PRO A 84 -9.99 11.90 -0.86
C PRO A 84 -9.12 13.08 -0.49
N ILE A 85 -7.81 12.92 -0.70
CA ILE A 85 -6.82 13.96 -0.42
C ILE A 85 -6.12 14.30 -1.71
N GLU A 86 -6.21 15.56 -2.13
CA GLU A 86 -5.47 16.06 -3.28
C GLU A 86 -4.28 16.86 -2.79
N VAL A 87 -3.09 16.54 -3.33
CA VAL A 87 -1.86 17.26 -3.01
C VAL A 87 -1.46 18.01 -4.28
N TYR A 88 -1.49 19.34 -4.20
CA TYR A 88 -1.13 20.19 -5.33
C TYR A 88 0.34 20.58 -5.25
N PHE A 89 1.00 20.61 -6.40
CA PHE A 89 2.43 20.88 -6.45
C PHE A 89 2.69 22.32 -6.88
N LYS A 90 3.82 22.86 -6.37
CA LYS A 90 4.31 24.18 -6.78
C LYS A 90 5.01 24.02 -8.13
N ASN A 91 4.20 23.97 -9.19
CA ASN A 91 4.74 23.89 -10.53
C ASN A 91 3.70 24.43 -11.50
N LYS A 92 3.98 24.29 -12.79
CA LYS A 92 3.02 24.56 -13.86
C LYS A 92 3.23 23.52 -14.96
N GLU A 93 3.25 22.25 -14.56
CA GLU A 93 3.53 21.15 -15.47
C GLU A 93 2.76 19.91 -15.00
N GLU A 94 2.77 18.88 -15.82
CA GLU A 94 2.18 17.60 -15.42
C GLU A 94 3.19 16.83 -14.56
N PRO A 95 2.78 16.35 -13.37
CA PRO A 95 1.42 16.51 -12.85
C PRO A 95 1.26 17.75 -11.98
N ARG A 96 0.12 18.42 -12.11
CA ARG A 96 -0.17 19.56 -11.24
C ARG A 96 -0.58 19.10 -9.84
N LYS A 97 -0.98 17.85 -9.69
CA LYS A 97 -1.51 17.35 -8.42
C LYS A 97 -1.58 15.83 -8.47
N VAL A 98 -1.70 15.24 -7.28
CA VAL A 98 -1.89 13.80 -7.11
C VAL A 98 -3.02 13.61 -6.11
N ARG A 99 -3.76 12.51 -6.26
CA ARG A 99 -4.91 12.22 -5.42
C ARG A 99 -4.76 10.86 -4.76
N PHE A 100 -5.05 10.80 -3.46
CA PHE A 100 -5.14 9.56 -2.73
C PHE A 100 -6.52 9.48 -2.09
N ASP A 101 -6.98 8.25 -1.87
CA ASP A 101 -8.20 8.00 -1.11
C ASP A 101 -7.77 7.43 0.24
N TYR A 102 -8.00 8.20 1.30
CA TYR A 102 -7.58 7.81 2.64
C TYR A 102 -8.77 7.20 3.39
N ASP A 103 -8.54 6.04 3.99
CA ASP A 103 -9.56 5.38 4.81
C ASP A 103 -9.51 5.97 6.21
N LEU A 104 -10.39 6.94 6.46
CA LEU A 104 -10.52 7.56 7.77
C LEU A 104 -11.41 6.67 8.61
N PHE A 105 -10.82 5.73 9.34
CA PHE A 105 -11.59 4.79 10.14
C PHE A 105 -11.47 5.13 11.62
N LEU A 106 -12.50 4.79 12.37
CA LEU A 106 -12.55 5.00 13.80
C LEU A 106 -12.72 3.65 14.49
N HIS A 107 -12.14 3.52 15.69
CA HIS A 107 -12.25 2.31 16.48
C HIS A 107 -13.36 2.45 17.51
N LEU A 108 -13.90 1.31 17.93
CA LEU A 108 -14.96 1.30 18.92
C LEU A 108 -14.40 1.58 20.32
N GLU A 109 -15.30 1.98 21.21
CA GLU A 109 -14.91 2.34 22.57
C GLU A 109 -14.35 1.13 23.30
N GLY A 110 -13.23 1.36 24.01
CA GLY A 110 -12.49 0.32 24.69
C GLY A 110 -11.19 -0.03 23.99
N HIS A 111 -11.14 0.09 22.66
CA HIS A 111 -9.92 -0.09 21.91
C HIS A 111 -9.03 1.14 22.06
N PRO A 112 -7.71 0.98 21.98
CA PRO A 112 -6.82 2.14 22.08
C PRO A 112 -7.09 3.11 20.95
N PRO A 113 -6.75 4.38 21.13
CA PRO A 113 -7.02 5.36 20.07
C PRO A 113 -6.25 5.02 18.79
N VAL A 114 -6.86 5.36 17.65
CA VAL A 114 -6.24 5.06 16.36
C VAL A 114 -5.04 5.97 16.16
N ASN A 115 -3.92 5.37 15.76
CA ASN A 115 -2.72 6.11 15.34
C ASN A 115 -2.20 5.35 14.12
N HIS A 116 -2.61 5.80 12.94
CA HIS A 116 -2.40 5.08 11.69
C HIS A 116 -1.50 5.89 10.76
N LEU A 117 -0.57 5.21 10.09
CA LEU A 117 0.35 5.88 9.18
C LEU A 117 0.47 5.11 7.87
N ARG A 118 0.40 5.84 6.76
CA ARG A 118 0.65 5.34 5.43
C ARG A 118 1.80 6.11 4.81
N CYS A 119 2.52 5.49 3.89
CA CYS A 119 3.59 6.13 3.15
C CYS A 119 3.36 5.93 1.65
N GLU A 120 3.40 7.02 0.89
CA GLU A 120 3.22 7.00 -0.54
C GLU A 120 4.45 7.62 -1.21
N LYS A 121 4.97 6.95 -2.22
CA LYS A 121 6.14 7.42 -2.96
C LYS A 121 5.68 8.12 -4.23
N LEU A 122 6.23 9.31 -4.46
CA LEU A 122 5.97 10.07 -5.68
C LEU A 122 7.22 10.03 -6.54
N THR A 123 7.09 9.49 -7.75
CA THR A 123 8.17 9.40 -8.72
C THR A 123 7.92 10.42 -9.82
N PHE A 124 8.90 11.30 -10.06
CA PHE A 124 8.82 12.30 -11.12
C PHE A 124 9.96 12.04 -12.10
N ASN A 125 9.61 11.54 -13.29
CA ASN A 125 10.64 10.99 -14.16
C ASN A 125 11.42 12.07 -14.90
N ASN A 126 10.75 13.12 -15.38
CA ASN A 126 11.42 14.22 -16.08
C ASN A 126 10.76 15.54 -15.70
N PRO A 127 10.99 16.02 -14.48
CA PRO A 127 10.43 17.30 -14.07
C PRO A 127 11.25 18.46 -14.60
N THR A 128 10.61 19.63 -14.68
CA THR A 128 11.33 20.85 -15.01
C THR A 128 12.37 21.16 -13.94
N GLU A 129 13.39 21.93 -14.35
CA GLU A 129 14.51 22.21 -13.46
C GLU A 129 14.05 22.90 -12.17
N ASP A 130 13.12 23.84 -12.28
CA ASP A 130 12.63 24.54 -11.09
C ASP A 130 11.86 23.59 -10.18
N PHE A 131 11.07 22.69 -10.77
CA PHE A 131 10.31 21.73 -9.97
C PHE A 131 11.22 20.71 -9.32
N ARG A 132 12.19 20.19 -10.09
CA ARG A 132 13.17 19.28 -9.54
C ARG A 132 13.87 19.89 -8.34
N ARG A 133 14.30 21.15 -8.45
CA ARG A 133 15.01 21.78 -7.36
C ARG A 133 14.12 21.91 -6.12
N LYS A 134 12.83 22.17 -6.33
CA LYS A 134 11.90 22.19 -5.20
C LYS A 134 11.79 20.81 -4.56
N LEU A 135 11.61 19.77 -5.38
CA LEU A 135 11.48 18.41 -4.85
C LEU A 135 12.71 18.01 -4.06
N LEU A 136 13.89 18.42 -4.51
CA LEU A 136 15.14 18.04 -3.87
C LEU A 136 15.45 18.85 -2.63
N LYS A 137 14.74 19.96 -2.39
CA LYS A 137 14.94 20.72 -1.17
C LYS A 137 14.29 20.08 0.04
N ALA A 138 13.26 19.26 -0.16
CA ALA A 138 12.59 18.57 0.92
C ALA A 138 13.46 17.44 1.45
N SER B 4 -0.57 2.35 20.31
CA SER B 4 -0.01 3.53 19.66
C SER B 4 0.02 3.36 18.15
N CYS B 5 1.22 3.28 17.58
CA CYS B 5 1.41 3.41 16.14
C CYS B 5 0.96 2.17 15.39
N ALA B 6 0.41 2.41 14.19
CA ALA B 6 0.10 1.36 13.23
C ALA B 6 0.50 1.85 11.84
N VAL B 7 1.22 1.00 11.10
CA VAL B 7 1.72 1.34 9.77
C VAL B 7 1.14 0.35 8.77
N GLN B 8 0.62 0.87 7.66
CA GLN B 8 -0.02 0.06 6.63
C GLN B 8 0.84 0.04 5.38
N VAL B 9 1.13 -1.15 4.87
CA VAL B 9 1.80 -1.32 3.59
C VAL B 9 0.91 -2.18 2.70
N LYS B 10 1.27 -2.22 1.42
CA LYS B 10 0.48 -2.91 0.40
C LYS B 10 1.35 -3.93 -0.33
N LEU B 11 0.80 -5.11 -0.52
CA LEU B 11 1.40 -6.16 -1.34
C LEU B 11 0.48 -6.46 -2.52
N GLU B 12 1.05 -6.62 -3.69
CA GLU B 12 0.32 -7.09 -4.85
C GLU B 12 0.65 -8.57 -5.09
N LEU B 13 -0.39 -9.38 -5.28
CA LEU B 13 -0.28 -10.79 -5.63
C LEU B 13 -1.03 -11.06 -6.92
N GLY B 14 -0.46 -11.89 -7.78
CA GLY B 14 -1.15 -12.16 -9.02
C GLY B 14 -0.56 -13.35 -9.73
N HIS B 15 -1.12 -13.66 -10.89
CA HIS B 15 -0.57 -14.72 -11.72
C HIS B 15 -1.11 -14.60 -13.13
N ARG B 16 -0.35 -15.18 -14.07
CA ARG B 16 -0.73 -15.31 -15.46
C ARG B 16 -0.69 -16.79 -15.84
N ALA B 17 -1.62 -17.19 -16.69
CA ALA B 17 -1.69 -18.57 -17.17
C ALA B 17 -2.13 -18.56 -18.62
N GLN B 18 -1.42 -19.30 -19.47
CA GLN B 18 -1.72 -19.37 -20.90
C GLN B 18 -1.57 -20.80 -21.39
N VAL B 19 -2.47 -21.21 -22.29
CA VAL B 19 -2.37 -22.53 -22.89
C VAL B 19 -1.17 -22.57 -23.83
N ARG B 20 -0.36 -23.63 -23.73
CA ARG B 20 0.79 -23.77 -24.61
C ARG B 20 0.35 -24.11 -26.02
N LYS B 21 1.17 -23.68 -26.99
CA LYS B 21 0.93 -24.09 -28.37
C LYS B 21 1.01 -25.60 -28.51
N LYS B 22 1.99 -26.22 -27.87
CA LYS B 22 2.13 -27.67 -27.82
C LYS B 22 2.31 -28.10 -26.38
N PRO B 23 1.59 -29.13 -25.93
CA PRO B 23 1.80 -29.64 -24.57
C PRO B 23 3.21 -30.18 -24.41
N THR B 24 3.73 -30.09 -23.18
CA THR B 24 5.02 -30.67 -22.88
C THR B 24 4.98 -32.19 -23.03
N VAL B 25 6.16 -32.80 -22.94
CA VAL B 25 6.25 -34.25 -23.00
C VAL B 25 5.48 -34.90 -21.86
N GLU B 26 5.45 -34.24 -20.69
CA GLU B 26 4.63 -34.74 -19.59
C GLU B 26 3.14 -34.59 -19.87
N GLY B 27 2.76 -33.82 -20.87
CA GLY B 27 1.37 -33.51 -21.10
C GLY B 27 0.88 -32.23 -20.46
N PHE B 28 1.79 -31.37 -19.99
CA PHE B 28 1.40 -30.13 -19.35
C PHE B 28 0.85 -29.16 -20.39
N THR B 29 -0.38 -28.71 -20.18
CA THR B 29 -1.08 -27.89 -21.16
C THR B 29 -0.82 -26.40 -21.01
N HIS B 30 -0.44 -25.94 -19.82
CA HIS B 30 -0.38 -24.52 -19.51
C HIS B 30 1.01 -24.12 -19.02
N ASP B 31 1.41 -22.89 -19.38
CA ASP B 31 2.49 -22.20 -18.70
C ASP B 31 1.88 -21.15 -17.76
N TRP B 32 2.40 -21.07 -16.54
CA TRP B 32 1.88 -20.09 -15.60
C TRP B 32 3.00 -19.48 -14.77
N MET B 33 2.76 -18.26 -14.31
CA MET B 33 3.70 -17.52 -13.48
C MET B 33 2.92 -16.88 -12.35
N VAL B 34 3.38 -17.06 -11.11
CA VAL B 34 2.75 -16.45 -9.95
C VAL B 34 3.77 -15.51 -9.31
N PHE B 35 3.29 -14.40 -8.75
CA PHE B 35 4.21 -13.40 -8.25
C PHE B 35 3.69 -12.71 -7.00
N VAL B 36 4.63 -12.19 -6.21
CA VAL B 36 4.37 -11.26 -5.13
C VAL B 36 5.24 -10.04 -5.38
N ARG B 37 4.66 -8.86 -5.23
CA ARG B 37 5.40 -7.63 -5.53
C ARG B 37 4.71 -6.47 -4.84
N GLY B 38 5.45 -5.36 -4.74
CA GLY B 38 4.85 -4.13 -4.29
C GLY B 38 4.17 -3.43 -5.44
N PRO B 39 3.28 -2.49 -5.12
CA PRO B 39 2.66 -1.67 -6.17
C PRO B 39 3.62 -0.57 -6.62
N GLU B 40 3.26 0.04 -7.75
CA GLU B 40 3.83 1.33 -8.21
C GLU B 40 5.35 1.21 -8.22
N HIS B 41 6.09 2.19 -7.71
CA HIS B 41 7.54 2.17 -7.62
C HIS B 41 8.03 1.76 -6.25
N SER B 42 7.22 1.01 -5.51
CA SER B 42 7.64 0.57 -4.18
C SER B 42 8.68 -0.53 -4.28
N ASN B 43 9.43 -0.72 -3.20
CA ASN B 43 10.46 -1.75 -3.10
C ASN B 43 10.25 -2.50 -1.79
N ILE B 44 9.43 -3.56 -1.83
CA ILE B 44 9.09 -4.29 -0.62
C ILE B 44 10.27 -5.07 -0.06
N GLN B 45 11.35 -5.22 -0.83
CA GLN B 45 12.56 -5.85 -0.31
C GLN B 45 13.06 -5.17 0.96
N HIS B 46 12.69 -3.91 1.20
CA HIS B 46 13.11 -3.24 2.42
C HIS B 46 12.58 -3.95 3.67
N PHE B 47 11.37 -4.52 3.60
CA PHE B 47 10.80 -5.21 4.76
C PHE B 47 10.51 -6.68 4.52
N VAL B 48 10.68 -7.19 3.30
CA VAL B 48 10.40 -8.59 3.01
C VAL B 48 11.72 -9.37 3.05
N GLU B 49 11.80 -10.34 3.95
CA GLU B 49 12.98 -11.18 4.04
C GLU B 49 13.00 -12.23 2.93
N LYS B 50 11.88 -12.93 2.74
CA LYS B 50 11.77 -13.92 1.68
C LYS B 50 10.31 -14.22 1.44
N VAL B 51 10.02 -14.73 0.24
CA VAL B 51 8.69 -15.20 -0.13
C VAL B 51 8.81 -16.67 -0.49
N VAL B 52 7.96 -17.49 0.11
CA VAL B 52 7.96 -18.95 -0.07
C VAL B 52 6.69 -19.34 -0.80
N PHE B 53 6.85 -19.99 -1.95
CA PHE B 53 5.73 -20.48 -2.74
C PHE B 53 5.60 -21.98 -2.55
N HIS B 54 4.43 -22.42 -2.11
CA HIS B 54 4.21 -23.84 -1.78
C HIS B 54 3.43 -24.47 -2.94
N LEU B 55 4.17 -25.10 -3.85
CA LEU B 55 3.59 -25.71 -5.03
C LEU B 55 2.87 -27.01 -4.68
N HIS B 56 2.02 -27.44 -5.61
CA HIS B 56 1.37 -28.74 -5.48
C HIS B 56 2.42 -29.84 -5.33
N GLU B 57 2.09 -30.88 -4.56
CA GLU B 57 3.08 -31.89 -4.21
C GLU B 57 3.61 -32.62 -5.44
N SER B 58 2.83 -32.66 -6.53
CA SER B 58 3.29 -33.32 -7.75
C SER B 58 4.48 -32.61 -8.38
N PHE B 59 4.71 -31.34 -8.04
CA PHE B 59 5.88 -30.67 -8.56
C PHE B 59 7.13 -31.13 -7.82
N PRO B 60 8.27 -31.20 -8.52
CA PRO B 60 9.54 -31.40 -7.83
C PRO B 60 9.95 -30.14 -7.07
N ARG B 61 10.60 -30.36 -5.93
CA ARG B 61 10.99 -29.29 -5.02
C ARG B 61 9.81 -28.32 -4.78
N PRO B 62 8.70 -28.81 -4.24
CA PRO B 62 7.47 -27.99 -4.21
C PRO B 62 7.60 -26.71 -3.40
N LYS B 63 8.61 -26.58 -2.55
CA LYS B 63 8.79 -25.37 -1.74
C LYS B 63 9.77 -24.46 -2.47
N ARG B 64 9.25 -23.46 -3.17
CA ARG B 64 10.08 -22.53 -3.93
C ARG B 64 10.30 -21.26 -3.12
N VAL B 65 11.56 -20.98 -2.80
CA VAL B 65 11.94 -19.86 -1.96
C VAL B 65 12.55 -18.78 -2.83
N CYS B 66 12.10 -17.54 -2.65
CA CYS B 66 12.67 -16.37 -3.31
C CYS B 66 13.17 -15.43 -2.23
N LYS B 67 14.49 -15.37 -2.07
CA LYS B 67 15.11 -14.45 -1.14
C LYS B 67 15.33 -13.06 -1.73
N ASP B 68 15.33 -12.95 -3.06
CA ASP B 68 15.53 -11.69 -3.76
C ASP B 68 14.37 -11.43 -4.72
N PRO B 69 14.00 -10.18 -4.94
CA PRO B 69 13.07 -9.87 -6.02
C PRO B 69 13.68 -10.24 -7.36
N PRO B 70 12.85 -10.63 -8.35
CA PRO B 70 11.39 -10.69 -8.22
C PRO B 70 10.93 -11.95 -7.50
N TYR B 71 9.95 -11.80 -6.61
CA TYR B 71 9.38 -12.93 -5.88
C TYR B 71 8.34 -13.59 -6.78
N LYS B 72 8.75 -14.62 -7.50
CA LYS B 72 7.86 -15.23 -8.48
C LYS B 72 8.31 -16.65 -8.78
N VAL B 73 7.39 -17.41 -9.37
CA VAL B 73 7.67 -18.78 -9.81
C VAL B 73 7.08 -18.95 -11.20
N GLU B 74 7.88 -19.45 -12.13
CA GLU B 74 7.43 -19.79 -13.48
C GLU B 74 7.44 -21.31 -13.62
N GLU B 75 6.32 -21.88 -14.04
CA GLU B 75 6.19 -23.33 -14.14
C GLU B 75 5.25 -23.66 -15.29
N SER B 76 5.05 -24.96 -15.50
CA SER B 76 4.01 -25.48 -16.38
C SER B 76 3.23 -26.56 -15.65
N GLY B 77 2.00 -26.78 -16.08
CA GLY B 77 1.19 -27.82 -15.48
C GLY B 77 -0.08 -28.04 -16.25
N TYR B 78 -0.95 -28.89 -15.69
CA TYR B 78 -2.22 -29.21 -16.31
C TYR B 78 -3.43 -28.82 -15.48
N ALA B 79 -3.29 -28.59 -14.18
CA ALA B 79 -4.43 -28.30 -13.33
C ALA B 79 -4.10 -27.13 -12.41
N GLY B 80 -5.15 -26.40 -12.03
CA GLY B 80 -5.01 -25.41 -10.99
C GLY B 80 -5.07 -26.01 -9.61
N PHE B 81 -4.73 -25.19 -8.62
CA PHE B 81 -4.69 -25.64 -7.23
C PHE B 81 -4.51 -24.42 -6.34
N ILE B 82 -4.60 -24.65 -5.03
CA ILE B 82 -4.37 -23.60 -4.05
C ILE B 82 -2.88 -23.58 -3.73
N LEU B 83 -2.27 -22.41 -3.87
CA LEU B 83 -0.84 -22.23 -3.71
C LEU B 83 -0.58 -21.36 -2.49
N PRO B 84 -0.25 -21.94 -1.34
CA PRO B 84 0.03 -21.12 -0.16
C PRO B 84 1.33 -20.34 -0.32
N ILE B 85 1.24 -19.03 -0.10
CA ILE B 85 2.37 -18.12 -0.28
C ILE B 85 2.68 -17.49 1.08
N GLU B 86 3.88 -17.75 1.59
CA GLU B 86 4.35 -17.17 2.83
C GLU B 86 5.29 -16.01 2.51
N VAL B 87 4.99 -14.84 3.06
CA VAL B 87 5.83 -13.66 2.95
C VAL B 87 6.49 -13.46 4.30
N TYR B 88 7.80 -13.72 4.37
CA TYR B 88 8.57 -13.51 5.59
C TYR B 88 9.06 -12.06 5.65
N PHE B 89 9.11 -11.52 6.86
CA PHE B 89 9.48 -10.13 7.07
C PHE B 89 10.86 -10.02 7.69
N LYS B 90 11.52 -8.88 7.44
CA LYS B 90 12.84 -8.59 8.02
C LYS B 90 12.66 -8.01 9.41
N ASN B 91 12.41 -8.89 10.37
CA ASN B 91 12.33 -8.50 11.77
C ASN B 91 12.71 -9.68 12.63
N LYS B 92 12.69 -9.45 13.94
CA LYS B 92 12.81 -10.52 14.94
C LYS B 92 11.72 -10.33 15.99
N GLU B 93 10.50 -10.14 15.50
CA GLU B 93 9.34 -9.82 16.33
C GLU B 93 8.13 -10.50 15.71
N GLU B 94 6.97 -10.31 16.34
CA GLU B 94 5.78 -10.84 15.68
C GLU B 94 5.08 -9.74 14.90
N PRO B 95 4.60 -10.01 13.68
CA PRO B 95 4.67 -11.32 13.03
C PRO B 95 5.95 -11.53 12.23
N ARG B 96 6.47 -12.76 12.24
CA ARG B 96 7.61 -13.09 11.40
C ARG B 96 7.21 -13.26 9.94
N LYS B 97 5.96 -13.61 9.68
CA LYS B 97 5.52 -13.85 8.31
C LYS B 97 4.00 -13.70 8.24
N VAL B 98 3.50 -13.63 7.01
CA VAL B 98 2.08 -13.70 6.72
C VAL B 98 1.89 -14.76 5.64
N ARG B 99 0.73 -15.41 5.65
CA ARG B 99 0.43 -16.48 4.71
C ARG B 99 -0.83 -16.14 3.94
N PHE B 100 -0.77 -16.28 2.61
CA PHE B 100 -1.91 -16.16 1.72
C PHE B 100 -2.13 -17.50 1.02
N ASP B 101 -3.38 -17.91 0.91
CA ASP B 101 -3.74 -19.11 0.16
C ASP B 101 -4.20 -18.65 -1.22
N TYR B 102 -3.30 -18.72 -2.20
CA TYR B 102 -3.54 -18.15 -3.51
C TYR B 102 -4.21 -19.17 -4.44
N ASP B 103 -5.27 -18.75 -5.11
CA ASP B 103 -5.99 -19.61 -6.05
C ASP B 103 -5.32 -19.54 -7.42
N LEU B 104 -4.37 -20.44 -7.64
CA LEU B 104 -3.67 -20.56 -8.93
C LEU B 104 -4.62 -21.27 -9.89
N PHE B 105 -5.49 -20.52 -10.54
CA PHE B 105 -6.46 -21.11 -11.46
C PHE B 105 -6.03 -20.92 -12.90
N LEU B 106 -6.32 -21.91 -13.73
CA LEU B 106 -6.06 -21.88 -15.16
C LEU B 106 -7.39 -21.84 -15.89
N HIS B 107 -7.37 -21.27 -17.10
CA HIS B 107 -8.57 -21.19 -17.91
C HIS B 107 -8.53 -22.22 -19.04
N LEU B 108 -9.71 -22.66 -19.44
CA LEU B 108 -9.82 -23.68 -20.48
C LEU B 108 -9.38 -23.13 -21.82
N GLU B 109 -9.09 -24.03 -22.75
CA GLU B 109 -8.55 -23.65 -24.05
C GLU B 109 -9.61 -22.91 -24.86
N GLY B 110 -9.16 -21.92 -25.62
CA GLY B 110 -10.04 -21.04 -26.35
C GLY B 110 -10.42 -19.79 -25.57
N HIS B 111 -10.38 -19.86 -24.24
CA HIS B 111 -10.64 -18.71 -23.41
C HIS B 111 -9.39 -17.82 -23.30
N PRO B 112 -9.57 -16.54 -22.99
CA PRO B 112 -8.41 -15.66 -22.92
C PRO B 112 -7.44 -16.14 -21.87
N PRO B 113 -6.15 -15.83 -22.02
CA PRO B 113 -5.19 -16.18 -20.98
C PRO B 113 -5.55 -15.52 -19.66
N VAL B 114 -5.16 -16.17 -18.57
CA VAL B 114 -5.46 -15.65 -17.24
C VAL B 114 -4.48 -14.53 -16.90
N ASN B 115 -5.02 -13.46 -16.31
CA ASN B 115 -4.20 -12.33 -15.87
C ASN B 115 -4.89 -11.78 -14.62
N HIS B 116 -4.51 -12.29 -13.45
CA HIS B 116 -5.21 -11.98 -12.22
C HIS B 116 -4.34 -11.16 -11.27
N LEU B 117 -4.99 -10.28 -10.51
CA LEU B 117 -4.30 -9.42 -9.57
C LEU B 117 -5.16 -9.23 -8.33
N ARG B 118 -4.51 -9.28 -7.17
CA ARG B 118 -5.17 -8.94 -5.92
C ARG B 118 -4.20 -8.11 -5.08
N CYS B 119 -4.75 -7.09 -4.42
CA CYS B 119 -3.97 -6.15 -3.63
C CYS B 119 -4.27 -6.41 -2.15
N GLU B 120 -3.24 -6.83 -1.42
CA GLU B 120 -3.39 -7.14 -0.01
C GLU B 120 -2.78 -6.02 0.82
N LYS B 121 -3.57 -5.49 1.75
CA LYS B 121 -3.13 -4.47 2.69
C LYS B 121 -2.69 -5.15 3.97
N LEU B 122 -1.49 -4.83 4.43
CA LEU B 122 -0.97 -5.32 5.70
C LEU B 122 -0.87 -4.15 6.67
N THR B 123 -1.41 -4.33 7.87
CA THR B 123 -1.39 -3.30 8.90
C THR B 123 -0.65 -3.85 10.11
N PHE B 124 0.47 -3.22 10.46
CA PHE B 124 1.32 -3.66 11.56
C PHE B 124 1.08 -2.72 12.74
N ASN B 125 0.44 -3.24 13.79
CA ASN B 125 0.18 -2.47 15.00
C ASN B 125 1.38 -2.57 15.93
N ASN B 126 1.90 -1.41 16.33
CA ASN B 126 3.03 -1.31 17.25
C ASN B 126 4.24 -2.13 16.80
N PRO B 127 4.78 -1.87 15.62
CA PRO B 127 6.04 -2.51 15.25
C PRO B 127 7.21 -1.86 15.95
N THR B 128 8.29 -2.61 16.09
CA THR B 128 9.52 -2.05 16.61
C THR B 128 9.99 -0.89 15.72
N GLU B 129 10.82 -0.02 16.30
CA GLU B 129 11.27 1.15 15.56
C GLU B 129 12.01 0.74 14.28
N ASP B 130 12.85 -0.27 14.36
CA ASP B 130 13.61 -0.70 13.18
C ASP B 130 12.71 -1.30 12.12
N PHE B 131 11.69 -2.06 12.53
CA PHE B 131 10.79 -2.66 11.54
C PHE B 131 9.89 -1.60 10.93
N ARG B 132 9.43 -0.64 11.75
CA ARG B 132 8.61 0.44 11.21
C ARG B 132 9.36 1.21 10.13
N ARG B 133 10.63 1.53 10.39
CA ARG B 133 11.42 2.28 9.41
C ARG B 133 11.62 1.48 8.13
N LYS B 134 11.70 0.16 8.22
CA LYS B 134 11.78 -0.67 7.02
C LYS B 134 10.49 -0.59 6.23
N LEU B 135 9.34 -0.69 6.91
CA LEU B 135 8.06 -0.59 6.24
C LEU B 135 7.90 0.75 5.54
N LEU B 136 8.37 1.83 6.18
CA LEU B 136 8.22 3.16 5.63
C LEU B 136 9.22 3.46 4.51
N LYS B 137 10.30 2.68 4.41
CA LYS B 137 11.30 2.86 3.37
C LYS B 137 10.87 2.31 2.02
N ALA B 138 9.91 1.38 2.00
CA ALA B 138 9.50 0.71 0.78
C ALA B 138 8.82 1.67 -0.19
C14 7IY C . -21.55 15.79 10.56
C5 7IY C . -20.48 11.17 8.72
C6 7IY C . -20.28 8.83 7.24
C8 7IY C . -19.15 9.40 7.80
C10 7IY C . -19.25 10.57 8.54
C12 7IY C . -20.28 14.02 11.42
C3 7IY C . -20.00 12.67 10.74
C1 7IY C . -21.52 9.43 7.42
C2 7IY C . -21.62 10.60 8.16
N4 7IY C . -20.66 12.40 9.48
N9 7IY C . -22.71 8.84 6.84
O13 7IY C . -20.43 14.98 10.42
O7 7IY C . -19.26 11.90 11.25
CL1 7IY C . -20.17 7.33 6.30
C1 GOL D . 16.30 15.03 5.88
O1 GOL D . 16.61 14.07 6.87
C2 GOL D . 16.56 14.35 4.51
O2 GOL D . 16.03 13.08 4.46
C3 GOL D . 15.90 15.28 3.47
O3 GOL D . 15.35 14.46 2.48
C14 7IY E . 3.08 -32.44 -12.21
C5 7IY E . -0.91 -30.78 -10.51
C6 7IY E . -3.33 -30.56 -9.18
C8 7IY E . -2.71 -29.43 -9.66
C10 7IY E . -1.49 -29.53 -10.32
C12 7IY E . 2.12 -30.44 -12.97
C3 7IY E . 0.74 -30.17 -12.37
C1 7IY E . -2.74 -31.81 -9.35
C2 7IY E . -1.53 -31.91 -10.01
N4 7IY E . 0.37 -30.92 -11.18
N9 7IY E . -3.39 -33.01 -8.84
O13 7IY E . 2.90 -31.07 -11.99
O7 7IY E . 0.01 -29.39 -12.86
CL1 7IY E . -4.90 -30.42 -8.33
C1 GOL F . -1.34 -30.01 -2.81
O1 GOL F . 0.03 -30.14 -2.61
C2 GOL F . -1.65 -28.49 -2.99
O2 GOL F . -1.44 -27.78 -1.81
C3 GOL F . -3.13 -28.41 -3.46
O3 GOL F . -3.78 -29.59 -3.08
C1 GOL G . 3.14 -23.70 5.23
O1 GOL G . 4.36 -23.96 5.86
C2 GOL G . 2.57 -25.06 4.77
O2 GOL G . 1.45 -25.43 5.51
C3 GOL G . 2.23 -24.87 3.27
O3 GOL G . 1.44 -25.96 2.88
#